data_3D5Z
#
_entry.id   3D5Z
#
_cell.length_a   84.682
_cell.length_b   88.831
_cell.length_c   75.265
_cell.angle_alpha   90.00
_cell.angle_beta   90.00
_cell.angle_gamma   90.00
#
_symmetry.space_group_name_H-M   'C 2 2 21'
#
loop_
_entity.id
_entity.type
_entity.pdbx_description
1 polymer 'Intracellular arabinanase'
2 branched alpha-L-arabinofuranose-(1-5)-alpha-L-arabinofuranose-(1-5)-beta-L-arabinofuranose
3 non-polymer 'CALCIUM ION'
4 water water
#
_entity_poly.entity_id   1
_entity_poly.type   'polypeptide(L)'
_entity_poly.pdbx_seq_one_letter_code
;VHFHPFGGVNFYEMDWSLKGDLWAHDPVIAKEGSRWYVFHTGSGIQIKTSEDGVHWENMGWVFPSLPDWYKQYVPEKDED
HLWAPDICFYNGIYYLYYSVSTFGKNTSVIGLATNQTLDPRDPDYEWKDMGPVIHSTASDNYNAIDPNVVFDQEGQPWLS
FGSFWSGIQLIQLDTETMKPAAQAELLTIASRGEEPNAIAAPFIVCRNGYYYLFVSFDFCCRGIESTYKIAVGRSKDITG
PYVDKNGVSMMQGGGTILDEGNDRWIGPGHCAVYFSGVSAILVNHAYDALKNGEPTLQIRPLYWDDEGWPYLSV
;
_entity_poly.pdbx_strand_id   A
#
loop_
_chem_comp.id
_chem_comp.type
_chem_comp.name
_chem_comp.formula
AHR L-saccharide, alpha linking alpha-L-arabinofuranose 'C5 H10 O5'
CA non-polymer 'CALCIUM ION' 'Ca 2'
FUB L-saccharide, beta linking beta-L-arabinofuranose 'C5 H10 O5'
#
# COMPACT_ATOMS: atom_id res chain seq x y z
N VAL A 1 -15.71 -1.61 -4.78
CA VAL A 1 -14.49 -2.27 -5.35
C VAL A 1 -14.55 -3.77 -5.08
N HIS A 2 -14.65 -4.56 -6.13
CA HIS A 2 -14.74 -6.01 -5.98
C HIS A 2 -13.53 -6.66 -5.33
N PHE A 3 -12.34 -6.14 -5.59
CA PHE A 3 -11.14 -6.70 -5.00
C PHE A 3 -10.87 -6.17 -3.60
N HIS A 4 -11.58 -5.12 -3.22
CA HIS A 4 -11.47 -4.50 -1.89
C HIS A 4 -12.89 -4.31 -1.36
N PRO A 5 -13.60 -5.42 -1.09
CA PRO A 5 -14.98 -5.38 -0.59
C PRO A 5 -15.12 -5.06 0.91
N PHE A 6 -16.15 -4.32 1.27
CA PHE A 6 -16.39 -3.96 2.67
C PHE A 6 -17.86 -4.09 3.07
N GLY A 7 -18.59 -4.96 2.38
CA GLY A 7 -20.00 -5.17 2.69
C GLY A 7 -20.84 -3.90 2.65
N GLY A 8 -21.85 -3.85 3.50
CA GLY A 8 -22.71 -2.69 3.55
C GLY A 8 -22.39 -1.77 4.71
N VAL A 9 -21.29 -1.03 4.61
CA VAL A 9 -20.91 -0.12 5.68
C VAL A 9 -20.66 1.28 5.14
N ASN A 10 -21.02 2.28 5.94
CA ASN A 10 -20.81 3.67 5.55
C ASN A 10 -19.65 4.18 6.40
N PHE A 11 -18.49 4.31 5.79
CA PHE A 11 -17.28 4.77 6.49
C PHE A 11 -17.47 6.15 7.10
N TYR A 12 -18.35 6.96 6.53
CA TYR A 12 -18.58 8.31 7.03
C TYR A 12 -19.37 8.34 8.33
N GLU A 13 -20.08 7.25 8.63
CA GLU A 13 -20.88 7.17 9.85
C GLU A 13 -20.18 6.35 10.91
N MET A 14 -18.89 6.13 10.76
CA MET A 14 -18.16 5.33 11.73
C MET A 14 -17.18 6.12 12.59
N ASP A 15 -16.92 5.58 13.77
CA ASP A 15 -15.99 6.18 14.72
C ASP A 15 -14.60 5.67 14.34
N TRP A 16 -13.70 6.57 14.00
CA TRP A 16 -12.35 6.17 13.61
C TRP A 16 -11.27 6.64 14.58
N SER A 17 -11.66 6.79 15.84
CA SER A 17 -10.74 7.17 16.90
C SER A 17 -10.29 5.82 17.43
N LEU A 18 -9.21 5.30 16.85
CA LEU A 18 -8.68 3.99 17.19
C LEU A 18 -8.20 3.78 18.61
N LYS A 19 -8.22 2.52 19.03
CA LYS A 19 -7.78 2.11 20.35
C LYS A 19 -7.20 0.70 20.24
N GLY A 20 -6.37 0.31 21.21
CA GLY A 20 -5.79 -1.01 21.20
C GLY A 20 -4.34 -1.04 20.75
N ASP A 21 -3.98 -2.10 20.02
CA ASP A 21 -2.62 -2.25 19.52
C ASP A 21 -2.54 -1.46 18.21
N LEU A 22 -1.95 -0.27 18.27
CA LEU A 22 -1.87 0.59 17.09
C LEU A 22 -0.50 0.78 16.45
N TRP A 23 0.50 0.05 16.92
CA TRP A 23 1.83 0.17 16.32
C TRP A 23 1.69 -0.37 14.89
N ALA A 24 2.04 0.45 13.90
CA ALA A 24 1.94 0.02 12.51
C ALA A 24 2.82 0.86 11.59
N HIS A 25 3.22 0.26 10.48
CA HIS A 25 4.06 0.93 9.49
C HIS A 25 3.72 0.32 8.13
N ASP A 26 3.29 1.17 7.19
CA ASP A 26 2.94 0.71 5.84
C ASP A 26 1.75 -0.23 5.87
N PRO A 27 0.63 0.23 6.44
CA PRO A 27 -0.59 -0.58 6.55
C PRO A 27 -1.55 -0.62 5.36
N VAL A 28 -2.36 -1.67 5.33
CA VAL A 28 -3.41 -1.88 4.34
C VAL A 28 -4.49 -2.58 5.14
N ILE A 29 -5.73 -2.55 4.66
CA ILE A 29 -6.84 -3.16 5.38
C ILE A 29 -7.74 -3.98 4.46
N ALA A 30 -8.42 -4.94 5.07
CA ALA A 30 -9.35 -5.80 4.38
C ALA A 30 -10.44 -6.18 5.38
N LYS A 31 -11.62 -6.53 4.87
CA LYS A 31 -12.72 -6.93 5.73
C LYS A 31 -13.36 -8.17 5.13
N GLU A 32 -13.54 -9.19 5.96
CA GLU A 32 -14.15 -10.45 5.55
C GLU A 32 -15.17 -10.81 6.62
N GLY A 33 -16.44 -10.83 6.25
CA GLY A 33 -17.46 -11.13 7.23
C GLY A 33 -17.58 -9.96 8.19
N SER A 34 -17.54 -10.24 9.48
CA SER A 34 -17.65 -9.18 10.48
C SER A 34 -16.29 -8.83 11.08
N ARG A 35 -15.23 -9.30 10.44
CA ARG A 35 -13.87 -9.05 10.91
C ARG A 35 -13.09 -8.09 10.00
N TRP A 36 -12.29 -7.24 10.62
CA TRP A 36 -11.46 -6.28 9.90
C TRP A 36 -10.02 -6.75 10.12
N TYR A 37 -9.18 -6.60 9.10
CA TYR A 37 -7.79 -7.04 9.19
C TYR A 37 -6.83 -6.00 8.65
N VAL A 38 -5.72 -5.81 9.36
CA VAL A 38 -4.70 -4.88 8.93
C VAL A 38 -3.41 -5.65 8.79
N PHE A 39 -2.73 -5.46 7.66
CA PHE A 39 -1.45 -6.13 7.42
C PHE A 39 -0.43 -5.01 7.33
N HIS A 40 0.74 -5.20 7.94
CA HIS A 40 1.75 -4.15 7.85
C HIS A 40 3.17 -4.70 7.98
N THR A 41 4.13 -3.83 7.74
CA THR A 41 5.56 -4.17 7.81
C THR A 41 5.95 -4.75 9.15
N GLY A 42 6.78 -5.81 9.12
CA GLY A 42 7.22 -6.45 10.35
C GLY A 42 7.60 -7.89 10.11
N SER A 43 7.99 -8.59 11.18
CA SER A 43 8.38 -9.99 11.10
C SER A 43 7.35 -10.83 10.34
N GLY A 44 7.76 -11.37 9.21
CA GLY A 44 6.88 -12.20 8.40
C GLY A 44 5.54 -11.59 8.04
N ILE A 45 5.47 -10.26 8.11
CA ILE A 45 4.25 -9.49 7.86
C ILE A 45 3.35 -9.61 9.07
N GLN A 46 3.19 -8.50 9.77
CA GLN A 46 2.37 -8.45 10.98
C GLN A 46 0.89 -8.31 10.65
N ILE A 47 0.05 -8.90 11.49
CA ILE A 47 -1.40 -8.84 11.29
C ILE A 47 -2.12 -8.35 12.54
N LYS A 48 -3.17 -7.56 12.33
CA LYS A 48 -4.00 -7.06 13.42
C LYS A 48 -5.44 -7.31 12.99
N THR A 49 -6.34 -7.52 13.95
CA THR A 49 -7.73 -7.76 13.60
C THR A 49 -8.65 -6.92 14.49
N SER A 50 -9.87 -6.68 14.00
CA SER A 50 -10.84 -5.89 14.74
C SER A 50 -12.27 -6.30 14.41
N GLU A 51 -13.15 -6.18 15.41
CA GLU A 51 -14.56 -6.51 15.24
C GLU A 51 -15.35 -5.32 14.72
N ASP A 52 -14.92 -4.12 15.11
CA ASP A 52 -15.60 -2.88 14.71
C ASP A 52 -14.77 -1.92 13.88
N GLY A 53 -13.45 -2.10 13.89
CA GLY A 53 -12.59 -1.21 13.14
C GLY A 53 -12.02 -0.12 14.03
N VAL A 54 -12.50 -0.07 15.27
CA VAL A 54 -12.05 0.92 16.24
C VAL A 54 -10.98 0.31 17.14
N HIS A 55 -11.31 -0.83 17.76
CA HIS A 55 -10.39 -1.51 18.66
C HIS A 55 -9.57 -2.56 17.90
N TRP A 56 -8.26 -2.37 17.87
CA TRP A 56 -7.39 -3.31 17.17
C TRP A 56 -6.53 -4.15 18.11
N GLU A 57 -6.29 -5.39 17.70
CA GLU A 57 -5.48 -6.32 18.48
C GLU A 57 -4.57 -7.11 17.55
N ASN A 58 -3.35 -7.35 18.01
CA ASN A 58 -2.38 -8.11 17.22
C ASN A 58 -2.86 -9.54 16.96
N MET A 59 -2.70 -10.01 15.73
CA MET A 59 -3.15 -11.36 15.36
C MET A 59 -2.06 -12.19 14.66
N GLY A 60 -0.88 -12.24 15.25
CA GLY A 60 0.21 -13.01 14.69
C GLY A 60 0.81 -12.45 13.41
N TRP A 61 1.28 -13.34 12.55
CA TRP A 61 1.86 -12.94 11.28
C TRP A 61 1.62 -13.95 10.16
N VAL A 62 1.81 -13.49 8.92
CA VAL A 62 1.61 -14.31 7.75
C VAL A 62 2.55 -15.50 7.66
N PHE A 63 3.85 -15.23 7.70
CA PHE A 63 4.86 -16.28 7.63
C PHE A 63 5.62 -16.40 8.94
N PRO A 64 5.91 -17.65 9.36
CA PRO A 64 6.66 -17.90 10.60
C PRO A 64 8.09 -17.41 10.42
N SER A 65 8.58 -17.50 9.19
CA SER A 65 9.94 -17.09 8.84
C SER A 65 9.97 -16.70 7.37
N LEU A 66 11.17 -16.43 6.86
CA LEU A 66 11.33 -16.04 5.47
C LEU A 66 11.55 -17.22 4.51
N PRO A 67 10.77 -17.28 3.42
CA PRO A 67 10.91 -18.34 2.42
C PRO A 67 12.35 -18.34 1.93
N ASP A 68 12.90 -19.51 1.64
CA ASP A 68 14.28 -19.61 1.21
C ASP A 68 14.65 -18.87 -0.08
N TRP A 69 13.71 -18.73 -1.01
CA TRP A 69 14.04 -18.06 -2.26
C TRP A 69 14.43 -16.58 -2.13
N TYR A 70 14.22 -16.01 -0.95
CA TYR A 70 14.58 -14.60 -0.73
C TYR A 70 16.07 -14.37 -0.98
N LYS A 71 16.89 -15.31 -0.53
CA LYS A 71 18.34 -15.20 -0.66
C LYS A 71 18.85 -15.04 -2.09
N GLN A 72 18.03 -15.41 -3.07
CA GLN A 72 18.41 -15.30 -4.47
C GLN A 72 18.36 -13.82 -4.89
N TYR A 73 17.61 -13.03 -4.15
CA TYR A 73 17.44 -11.61 -4.47
C TYR A 73 18.01 -10.64 -3.44
N VAL A 74 18.12 -11.07 -2.19
CA VAL A 74 18.62 -10.18 -1.16
C VAL A 74 19.61 -10.85 -0.22
N PRO A 75 20.78 -10.22 0.00
CA PRO A 75 21.81 -10.76 0.89
C PRO A 75 21.21 -11.18 2.22
N GLU A 76 21.77 -12.24 2.82
CA GLU A 76 21.27 -12.75 4.10
C GLU A 76 20.79 -11.64 5.00
N LYS A 77 19.51 -11.68 5.36
CA LYS A 77 18.93 -10.67 6.22
C LYS A 77 18.88 -11.17 7.65
N ASP A 78 19.67 -10.58 8.54
CA ASP A 78 19.62 -10.98 9.93
C ASP A 78 18.24 -10.51 10.37
N GLU A 79 17.60 -9.76 9.47
CA GLU A 79 16.27 -9.24 9.69
C GLU A 79 15.29 -10.26 9.12
N ASP A 80 14.11 -10.36 9.72
CA ASP A 80 13.09 -11.28 9.24
C ASP A 80 11.85 -10.47 8.92
N HIS A 81 12.06 -9.17 8.71
CA HIS A 81 10.99 -8.23 8.41
C HIS A 81 10.62 -8.20 6.95
N LEU A 82 9.32 -8.26 6.66
CA LEU A 82 8.82 -8.18 5.31
C LEU A 82 8.15 -6.81 5.26
N TRP A 83 8.30 -6.11 4.14
CA TRP A 83 7.75 -4.76 4.04
C TRP A 83 6.53 -4.53 3.17
N ALA A 84 5.81 -3.47 3.54
CA ALA A 84 4.65 -2.96 2.84
C ALA A 84 3.77 -3.97 2.10
N PRO A 85 2.96 -4.71 2.85
CA PRO A 85 2.07 -5.70 2.21
C PRO A 85 0.91 -5.00 1.51
N ASP A 86 0.27 -5.72 0.58
CA ASP A 86 -0.88 -5.18 -0.12
C ASP A 86 -1.86 -6.33 -0.27
N ILE A 87 -3.13 -6.07 0.03
CA ILE A 87 -4.11 -7.14 -0.02
C ILE A 87 -5.29 -6.88 -0.96
N CYS A 88 -5.70 -7.93 -1.66
CA CYS A 88 -6.86 -7.84 -2.54
C CYS A 88 -7.53 -9.21 -2.58
N PHE A 89 -8.81 -9.21 -2.95
CA PHE A 89 -9.62 -10.42 -3.00
C PHE A 89 -10.04 -10.65 -4.46
N TYR A 90 -9.74 -11.83 -5.00
CA TYR A 90 -10.08 -12.15 -6.38
C TYR A 90 -10.35 -13.64 -6.59
N ASN A 91 -11.50 -13.97 -7.15
CA ASN A 91 -11.87 -15.37 -7.38
C ASN A 91 -11.76 -16.22 -6.12
N GLY A 92 -12.42 -15.76 -5.06
CA GLY A 92 -12.41 -16.48 -3.80
C GLY A 92 -11.06 -16.68 -3.16
N ILE A 93 -10.05 -15.95 -3.62
CA ILE A 93 -8.71 -16.07 -3.06
C ILE A 93 -8.17 -14.71 -2.64
N TYR A 94 -7.44 -14.69 -1.53
CA TYR A 94 -6.84 -13.44 -1.06
C TYR A 94 -5.39 -13.40 -1.51
N TYR A 95 -5.02 -12.33 -2.21
CA TYR A 95 -3.65 -12.17 -2.69
C TYR A 95 -2.96 -11.11 -1.86
N LEU A 96 -1.90 -11.53 -1.19
CA LEU A 96 -1.13 -10.65 -0.33
C LEU A 96 0.27 -10.46 -0.92
N TYR A 97 0.53 -9.28 -1.46
CA TYR A 97 1.83 -8.99 -2.03
C TYR A 97 2.64 -8.31 -0.94
N TYR A 98 3.95 -8.49 -0.98
CA TYR A 98 4.81 -7.89 0.03
C TYR A 98 6.20 -7.70 -0.53
N SER A 99 7.06 -7.04 0.25
CA SER A 99 8.43 -6.76 -0.19
C SER A 99 9.50 -7.39 0.69
N VAL A 100 10.59 -7.79 0.04
CA VAL A 100 11.75 -8.36 0.71
C VAL A 100 12.90 -7.50 0.20
N SER A 101 13.61 -6.85 1.12
CA SER A 101 14.70 -5.96 0.72
C SER A 101 15.60 -5.60 1.90
N THR A 102 16.54 -4.70 1.65
CA THR A 102 17.45 -4.20 2.68
C THR A 102 17.44 -2.68 2.55
N PHE A 103 17.23 -2.01 3.69
CA PHE A 103 17.17 -0.56 3.73
C PHE A 103 18.29 0.13 2.95
N GLY A 104 17.89 1.06 2.07
CA GLY A 104 18.86 1.80 1.28
C GLY A 104 19.35 1.16 -0.01
N LYS A 105 18.94 -0.08 -0.26
CA LYS A 105 19.37 -0.78 -1.47
C LYS A 105 18.19 -1.15 -2.37
N ASN A 106 18.47 -1.38 -3.65
CA ASN A 106 17.41 -1.76 -4.56
C ASN A 106 17.56 -3.20 -5.01
N THR A 107 18.23 -4.00 -4.18
CA THR A 107 18.37 -5.43 -4.43
C THR A 107 17.13 -5.90 -3.66
N SER A 108 16.00 -5.91 -4.35
CA SER A 108 14.73 -6.25 -3.72
C SER A 108 13.87 -7.18 -4.57
N VAL A 109 12.82 -7.69 -3.94
CA VAL A 109 11.90 -8.58 -4.63
C VAL A 109 10.54 -8.52 -3.96
N ILE A 110 9.49 -8.55 -4.79
CA ILE A 110 8.13 -8.53 -4.31
C ILE A 110 7.61 -9.96 -4.38
N GLY A 111 7.11 -10.47 -3.26
CA GLY A 111 6.60 -11.83 -3.25
C GLY A 111 5.09 -11.86 -3.19
N LEU A 112 4.52 -13.05 -3.34
CA LEU A 112 3.07 -13.23 -3.29
C LEU A 112 2.68 -14.40 -2.41
N ALA A 113 1.77 -14.16 -1.48
CA ALA A 113 1.26 -15.20 -0.59
C ALA A 113 -0.24 -15.22 -0.83
N THR A 114 -0.85 -16.41 -0.83
CA THR A 114 -2.29 -16.51 -1.05
C THR A 114 -2.96 -17.32 0.05
N ASN A 115 -4.26 -17.08 0.25
CA ASN A 115 -5.03 -17.78 1.28
C ASN A 115 -6.50 -17.78 0.86
N GLN A 116 -7.22 -18.81 1.26
CA GLN A 116 -8.63 -18.91 0.91
C GLN A 116 -9.48 -18.01 1.80
N THR A 117 -8.92 -17.64 2.95
CA THR A 117 -9.62 -16.79 3.91
C THR A 117 -8.64 -16.05 4.83
N LEU A 118 -9.10 -14.98 5.46
CA LEU A 118 -8.26 -14.20 6.37
C LEU A 118 -8.47 -14.59 7.84
N ASP A 119 -9.50 -15.39 8.08
CA ASP A 119 -9.86 -15.85 9.43
C ASP A 119 -9.17 -17.16 9.82
N PRO A 120 -8.22 -17.11 10.78
CA PRO A 120 -7.52 -18.33 11.21
C PRO A 120 -8.42 -19.38 11.85
N ARG A 121 -9.61 -18.95 12.29
CA ARG A 121 -10.55 -19.86 12.92
C ARG A 121 -11.14 -20.84 11.91
N ASP A 122 -11.08 -20.46 10.63
CA ASP A 122 -11.59 -21.27 9.53
C ASP A 122 -10.52 -22.30 9.13
N PRO A 123 -10.90 -23.57 8.98
CA PRO A 123 -9.96 -24.64 8.60
C PRO A 123 -9.26 -24.46 7.24
N ASP A 124 -9.80 -23.60 6.37
CA ASP A 124 -9.18 -23.37 5.07
C ASP A 124 -8.00 -22.41 5.18
N TYR A 125 -7.89 -21.74 6.32
CA TYR A 125 -6.81 -20.76 6.54
C TYR A 125 -5.40 -21.33 6.47
N GLU A 126 -4.63 -20.85 5.50
CA GLU A 126 -3.23 -21.26 5.33
C GLU A 126 -2.56 -20.34 4.32
N TRP A 127 -1.58 -19.57 4.77
CA TRP A 127 -0.88 -18.67 3.86
C TRP A 127 0.13 -19.45 3.02
N LYS A 128 -0.16 -19.57 1.74
CA LYS A 128 0.70 -20.29 0.81
C LYS A 128 1.74 -19.38 0.18
N ASP A 129 2.98 -19.84 0.15
CA ASP A 129 4.06 -19.07 -0.45
C ASP A 129 4.04 -19.31 -1.95
N MET A 130 3.51 -18.35 -2.70
CA MET A 130 3.42 -18.49 -4.14
C MET A 130 4.57 -17.83 -4.90
N GLY A 131 5.69 -17.65 -4.21
CA GLY A 131 6.89 -17.11 -4.81
C GLY A 131 7.00 -15.66 -5.26
N PRO A 132 8.16 -15.29 -5.82
CA PRO A 132 8.46 -13.96 -6.31
C PRO A 132 7.58 -13.54 -7.49
N VAL A 133 7.26 -12.24 -7.52
CA VAL A 133 6.42 -11.67 -8.57
C VAL A 133 7.29 -10.87 -9.54
N ILE A 134 8.07 -9.95 -9.00
CA ILE A 134 8.96 -9.11 -9.79
C ILE A 134 10.09 -8.68 -8.88
N HIS A 135 11.28 -8.46 -9.45
CA HIS A 135 12.42 -8.08 -8.64
C HIS A 135 13.33 -7.04 -9.29
N SER A 136 14.24 -6.50 -8.49
CA SER A 136 15.20 -5.51 -8.98
C SER A 136 16.58 -5.87 -8.47
N THR A 137 17.59 -5.57 -9.26
CA THR A 137 18.98 -5.83 -8.86
C THR A 137 19.66 -4.46 -8.87
N ALA A 138 20.86 -4.41 -8.31
CA ALA A 138 21.61 -3.16 -8.23
C ALA A 138 21.79 -2.48 -9.59
N SER A 139 21.67 -3.24 -10.67
CA SER A 139 21.86 -2.69 -11.99
C SER A 139 20.61 -2.04 -12.57
N ASP A 140 19.44 -2.37 -12.00
CA ASP A 140 18.18 -1.81 -12.49
C ASP A 140 17.98 -0.39 -11.97
N ASN A 141 17.19 0.41 -12.69
CA ASN A 141 16.95 1.77 -12.25
C ASN A 141 15.60 1.96 -11.58
N TYR A 142 15.14 0.92 -10.90
CA TYR A 142 13.89 0.96 -10.17
C TYR A 142 14.05 0.06 -8.96
N ASN A 143 13.19 0.23 -7.96
CA ASN A 143 13.28 -0.60 -6.76
C ASN A 143 11.99 -1.39 -6.59
N ALA A 144 12.13 -2.71 -6.52
CA ALA A 144 10.99 -3.62 -6.40
C ALA A 144 10.45 -3.82 -4.99
N ILE A 145 9.79 -2.80 -4.46
CA ILE A 145 9.16 -2.86 -3.14
C ILE A 145 7.89 -2.01 -3.21
N ASP A 146 7.10 -2.03 -2.15
CA ASP A 146 5.85 -1.25 -2.09
C ASP A 146 4.79 -1.61 -3.14
N PRO A 147 4.43 -2.89 -3.25
CA PRO A 147 3.43 -3.25 -4.25
C PRO A 147 2.01 -2.77 -3.95
N ASN A 148 1.20 -2.69 -5.00
CA ASN A 148 -0.21 -2.33 -4.91
C ASN A 148 -0.90 -2.82 -6.17
N VAL A 149 -1.93 -3.62 -5.98
CA VAL A 149 -2.67 -4.14 -7.12
C VAL A 149 -3.97 -3.37 -7.30
N VAL A 150 -4.36 -3.19 -8.55
CA VAL A 150 -5.59 -2.51 -8.87
C VAL A 150 -6.12 -3.12 -10.16
N PHE A 151 -7.43 -3.33 -10.22
CA PHE A 151 -8.03 -3.86 -11.44
C PHE A 151 -8.65 -2.62 -12.09
N ASP A 152 -8.35 -2.38 -13.36
CA ASP A 152 -8.93 -1.22 -14.01
C ASP A 152 -10.40 -1.52 -14.26
N GLN A 153 -11.12 -0.57 -14.82
CA GLN A 153 -12.55 -0.77 -15.08
C GLN A 153 -12.81 -1.99 -15.95
N GLU A 154 -11.92 -2.26 -16.88
CA GLU A 154 -12.06 -3.39 -17.79
C GLU A 154 -11.76 -4.73 -17.14
N GLY A 155 -11.45 -4.71 -15.84
CA GLY A 155 -11.17 -5.94 -15.14
C GLY A 155 -9.75 -6.47 -15.30
N GLN A 156 -8.88 -5.66 -15.88
CA GLN A 156 -7.49 -6.05 -16.09
C GLN A 156 -6.69 -5.69 -14.83
N PRO A 157 -6.00 -6.67 -14.23
CA PRO A 157 -5.20 -6.40 -13.03
C PRO A 157 -3.85 -5.76 -13.36
N TRP A 158 -3.45 -4.79 -12.55
CA TRP A 158 -2.18 -4.10 -12.72
C TRP A 158 -1.44 -4.02 -11.40
N LEU A 159 -0.11 -4.04 -11.47
CA LEU A 159 0.72 -3.93 -10.27
C LEU A 159 1.53 -2.65 -10.35
N SER A 160 1.36 -1.78 -9.37
CA SER A 160 2.15 -0.56 -9.32
C SER A 160 3.08 -0.77 -8.14
N PHE A 161 4.27 -0.17 -8.18
CA PHE A 161 5.23 -0.32 -7.09
C PHE A 161 6.37 0.66 -7.28
N GLY A 162 7.33 0.63 -6.37
CA GLY A 162 8.46 1.53 -6.51
C GLY A 162 8.77 2.42 -5.32
N SER A 163 10.05 2.75 -5.19
CA SER A 163 10.53 3.60 -4.13
C SER A 163 11.90 4.09 -4.57
N PHE A 164 12.02 5.40 -4.75
CA PHE A 164 13.24 6.04 -5.19
C PHE A 164 13.72 5.57 -6.58
N TRP A 165 15.00 5.77 -6.87
CA TRP A 165 15.52 5.41 -8.20
C TRP A 165 14.68 6.12 -9.26
N SER A 166 14.23 5.43 -10.30
CA SER A 166 13.45 6.12 -11.34
C SER A 166 12.03 6.48 -10.90
N GLY A 167 11.60 5.97 -9.76
CA GLY A 167 10.26 6.29 -9.29
C GLY A 167 9.22 5.19 -9.30
N ILE A 168 7.96 5.58 -9.50
CA ILE A 168 6.85 4.64 -9.50
C ILE A 168 6.68 3.87 -10.80
N GLN A 169 6.59 2.54 -10.68
CA GLN A 169 6.45 1.68 -11.84
C GLN A 169 5.04 1.10 -11.94
N LEU A 170 4.70 0.63 -13.14
CA LEU A 170 3.39 0.04 -13.42
C LEU A 170 3.57 -1.10 -14.42
N ILE A 171 2.91 -2.23 -14.17
CA ILE A 171 3.03 -3.36 -15.08
C ILE A 171 1.78 -4.23 -15.03
N GLN A 172 1.34 -4.72 -16.18
CA GLN A 172 0.15 -5.56 -16.24
C GLN A 172 0.39 -6.94 -15.65
N LEU A 173 -0.65 -7.49 -15.02
CA LEU A 173 -0.58 -8.82 -14.43
C LEU A 173 -1.57 -9.70 -15.19
N ASP A 174 -1.31 -11.01 -15.22
CA ASP A 174 -2.22 -11.93 -15.89
C ASP A 174 -3.25 -12.36 -14.84
N THR A 175 -4.51 -12.50 -15.26
CA THR A 175 -5.56 -12.89 -14.32
C THR A 175 -5.39 -14.29 -13.77
N GLU A 176 -4.80 -15.18 -14.56
CA GLU A 176 -4.61 -16.57 -14.13
C GLU A 176 -3.56 -16.68 -13.03
N THR A 177 -2.39 -16.10 -13.27
CA THR A 177 -1.28 -16.17 -12.32
C THR A 177 -1.20 -14.99 -11.35
N MET A 178 -1.76 -13.85 -11.75
CA MET A 178 -1.70 -12.65 -10.93
C MET A 178 -0.25 -12.21 -10.78
N LYS A 179 0.54 -12.52 -11.82
CA LYS A 179 1.95 -12.15 -11.91
C LYS A 179 2.12 -11.62 -13.33
N PRO A 180 3.06 -10.68 -13.54
CA PRO A 180 3.25 -10.15 -14.89
C PRO A 180 3.75 -11.18 -15.90
N ALA A 181 3.30 -11.04 -17.15
CA ALA A 181 3.76 -11.93 -18.21
C ALA A 181 5.24 -11.67 -18.36
N ALA A 182 5.99 -12.67 -18.80
CA ALA A 182 7.44 -12.51 -18.97
C ALA A 182 7.79 -11.33 -19.88
N GLN A 183 6.91 -11.06 -20.85
CA GLN A 183 7.14 -9.97 -21.80
C GLN A 183 6.38 -8.67 -21.49
N ALA A 184 5.66 -8.62 -20.40
CA ALA A 184 4.91 -7.41 -20.06
C ALA A 184 5.90 -6.24 -19.95
N GLU A 185 5.51 -5.06 -20.42
CA GLU A 185 6.40 -3.91 -20.35
C GLU A 185 6.27 -3.15 -19.04
N LEU A 186 7.40 -2.71 -18.50
CA LEU A 186 7.42 -1.96 -17.26
C LEU A 186 7.36 -0.47 -17.58
N LEU A 187 6.36 0.21 -17.04
CA LEU A 187 6.15 1.62 -17.30
C LEU A 187 6.41 2.48 -16.07
N THR A 188 7.14 3.57 -16.24
CA THR A 188 7.40 4.48 -15.13
C THR A 188 6.29 5.52 -15.21
N ILE A 189 5.54 5.70 -14.12
CA ILE A 189 4.42 6.63 -14.13
C ILE A 189 4.48 7.83 -13.18
N ALA A 190 5.47 7.88 -12.31
CA ALA A 190 5.60 9.01 -11.40
C ALA A 190 7.02 9.14 -10.87
N SER A 191 7.47 10.38 -10.71
CA SER A 191 8.82 10.68 -10.22
C SER A 191 8.88 12.12 -9.71
N ARG A 192 9.62 12.36 -8.63
CA ARG A 192 9.74 13.71 -8.08
C ARG A 192 10.54 14.56 -9.05
N GLY A 193 11.32 13.90 -9.90
CA GLY A 193 12.15 14.62 -10.85
C GLY A 193 13.34 15.22 -10.11
N GLU A 194 13.65 14.67 -8.95
CA GLU A 194 14.77 15.15 -8.14
C GLU A 194 15.69 13.98 -7.85
N GLU A 195 16.84 14.28 -7.27
CA GLU A 195 17.81 13.26 -6.88
C GLU A 195 18.26 13.64 -5.47
N PRO A 196 18.00 12.78 -4.47
CA PRO A 196 17.33 11.48 -4.59
C PRO A 196 15.88 11.71 -5.00
N ASN A 197 15.26 10.65 -5.51
CA ASN A 197 13.89 10.71 -5.98
C ASN A 197 12.95 10.16 -4.89
N ALA A 198 12.61 11.02 -3.93
CA ALA A 198 11.77 10.64 -2.81
C ALA A 198 10.27 10.51 -3.10
N ILE A 199 9.91 9.39 -3.70
CA ILE A 199 8.52 9.08 -4.02
C ILE A 199 8.44 7.57 -3.84
N ALA A 200 7.37 7.10 -3.22
CA ALA A 200 7.21 5.67 -2.99
C ALA A 200 5.79 5.35 -2.55
N ALA A 201 5.59 4.08 -2.20
CA ALA A 201 4.31 3.60 -1.71
C ALA A 201 3.11 3.97 -2.56
N PRO A 202 3.11 3.60 -3.85
CA PRO A 202 1.97 3.95 -4.70
C PRO A 202 0.72 3.15 -4.34
N PHE A 203 -0.44 3.74 -4.61
CA PHE A 203 -1.72 3.09 -4.38
C PHE A 203 -2.69 3.75 -5.35
N ILE A 204 -3.22 2.96 -6.28
CA ILE A 204 -4.14 3.46 -7.30
C ILE A 204 -5.58 3.02 -7.09
N VAL A 205 -6.51 3.95 -7.23
CA VAL A 205 -7.93 3.66 -7.09
C VAL A 205 -8.65 4.31 -8.27
N CYS A 206 -9.78 3.73 -8.67
CA CYS A 206 -10.54 4.27 -9.77
C CYS A 206 -11.85 4.83 -9.22
N ARG A 207 -12.12 6.09 -9.50
CA ARG A 207 -13.34 6.71 -9.03
C ARG A 207 -13.98 7.55 -10.14
N ASN A 208 -15.13 7.09 -10.62
CA ASN A 208 -15.87 7.78 -11.68
C ASN A 208 -15.06 8.00 -12.95
N GLY A 209 -14.50 6.93 -13.50
CA GLY A 209 -13.74 7.03 -14.73
C GLY A 209 -12.33 7.60 -14.63
N TYR A 210 -11.92 7.98 -13.44
CA TYR A 210 -10.59 8.52 -13.22
C TYR A 210 -9.77 7.58 -12.35
N TYR A 211 -8.47 7.51 -12.62
CA TYR A 211 -7.57 6.68 -11.84
C TYR A 211 -6.75 7.63 -10.97
N TYR A 212 -6.79 7.41 -9.66
CA TYR A 212 -6.04 8.28 -8.76
C TYR A 212 -4.80 7.57 -8.22
N LEU A 213 -3.65 8.18 -8.41
CA LEU A 213 -2.40 7.61 -7.91
C LEU A 213 -1.99 8.34 -6.64
N PHE A 214 -2.08 7.65 -5.51
CA PHE A 214 -1.66 8.24 -4.24
C PHE A 214 -0.25 7.72 -4.03
N VAL A 215 0.64 8.60 -3.56
CA VAL A 215 2.03 8.23 -3.32
C VAL A 215 2.52 8.93 -2.08
N SER A 216 3.68 8.52 -1.58
CA SER A 216 4.27 9.14 -0.41
C SER A 216 5.49 9.91 -0.84
N PHE A 217 5.51 11.20 -0.49
CA PHE A 217 6.61 12.09 -0.80
C PHE A 217 7.57 12.16 0.38
N ASP A 218 8.84 12.31 0.05
CA ASP A 218 9.90 12.43 1.04
C ASP A 218 10.26 11.25 1.94
N PHE A 219 10.67 11.51 3.18
CA PHE A 219 11.19 10.44 4.03
C PHE A 219 10.46 9.79 5.19
N CYS A 220 10.58 8.46 5.22
CA CYS A 220 10.01 7.61 6.28
C CYS A 220 11.14 7.27 7.22
N CYS A 221 10.79 6.38 8.13
CA CYS A 221 11.74 5.77 9.03
C CYS A 221 12.75 6.61 9.83
N ARG A 222 12.37 7.82 10.22
CA ARG A 222 13.28 8.65 11.00
C ARG A 222 12.62 9.20 12.25
N GLY A 223 11.65 8.46 12.77
CA GLY A 223 10.95 8.88 13.96
C GLY A 223 10.39 10.27 13.76
N ILE A 224 10.59 11.12 14.76
CA ILE A 224 10.09 12.50 14.71
C ILE A 224 10.77 13.37 13.64
N GLU A 225 11.78 12.83 12.95
CA GLU A 225 12.43 13.60 11.90
C GLU A 225 12.00 13.12 10.52
N SER A 226 10.96 12.27 10.48
CA SER A 226 10.43 11.77 9.21
C SER A 226 9.74 12.96 8.53
N THR A 227 9.74 12.99 7.20
CA THR A 227 9.14 14.10 6.46
C THR A 227 8.09 13.65 5.45
N TYR A 228 7.61 12.43 5.60
CA TYR A 228 6.59 11.86 4.73
C TYR A 228 5.42 12.82 4.52
N LYS A 229 4.86 12.78 3.31
CA LYS A 229 3.71 13.59 2.95
C LYS A 229 2.93 12.73 1.95
N ILE A 230 1.61 12.79 2.03
CA ILE A 230 0.77 12.03 1.10
C ILE A 230 0.35 12.96 -0.03
N ALA A 231 0.59 12.53 -1.27
CA ALA A 231 0.25 13.34 -2.44
C ALA A 231 -0.59 12.52 -3.42
N VAL A 232 -1.36 13.23 -4.26
CA VAL A 232 -2.23 12.55 -5.21
C VAL A 232 -2.31 13.25 -6.57
N GLY A 233 -2.56 12.44 -7.60
CA GLY A 233 -2.69 12.93 -8.97
C GLY A 233 -3.69 12.01 -9.66
N ARG A 234 -4.24 12.42 -10.79
CA ARG A 234 -5.21 11.57 -11.48
C ARG A 234 -5.00 11.51 -12.98
N SER A 235 -5.55 10.47 -13.59
CA SER A 235 -5.44 10.27 -15.04
C SER A 235 -6.71 9.59 -15.55
N LYS A 236 -7.06 9.88 -16.80
CA LYS A 236 -8.25 9.27 -17.41
C LYS A 236 -7.92 7.82 -17.72
N ASP A 237 -6.65 7.55 -17.99
CA ASP A 237 -6.19 6.20 -18.31
C ASP A 237 -5.22 5.70 -17.25
N ILE A 238 -5.31 4.42 -16.91
CA ILE A 238 -4.46 3.85 -15.87
C ILE A 238 -2.97 3.98 -16.15
N THR A 239 -2.60 4.01 -17.44
CA THR A 239 -1.20 4.14 -17.79
C THR A 239 -0.75 5.61 -17.75
N GLY A 240 -1.68 6.50 -17.44
CA GLY A 240 -1.34 7.91 -17.36
C GLY A 240 -1.70 8.74 -18.58
N PRO A 241 -1.21 9.99 -18.65
CA PRO A 241 -0.34 10.61 -17.64
C PRO A 241 -1.10 11.15 -16.42
N TYR A 242 -0.58 10.84 -15.23
CA TYR A 242 -1.21 11.31 -14.01
C TYR A 242 -0.79 12.75 -13.76
N VAL A 243 -1.75 13.59 -13.43
CA VAL A 243 -1.49 15.00 -13.19
C VAL A 243 -2.19 15.51 -11.93
N ASP A 244 -1.65 16.57 -11.32
CA ASP A 244 -2.27 17.11 -10.10
C ASP A 244 -3.26 18.24 -10.39
N LYS A 245 -3.79 18.85 -9.34
CA LYS A 245 -4.77 19.93 -9.47
C LYS A 245 -4.30 21.10 -10.33
N ASN A 246 -2.99 21.29 -10.40
CA ASN A 246 -2.41 22.38 -11.17
C ASN A 246 -2.08 22.01 -12.61
N GLY A 247 -2.33 20.76 -12.99
CA GLY A 247 -2.04 20.34 -14.34
C GLY A 247 -0.62 19.83 -14.52
N VAL A 248 0.14 19.78 -13.44
CA VAL A 248 1.53 19.32 -13.47
C VAL A 248 1.61 17.80 -13.44
N SER A 249 2.46 17.25 -14.31
CA SER A 249 2.64 15.80 -14.39
C SER A 249 3.34 15.22 -13.16
N MET A 250 2.87 14.07 -12.71
CA MET A 250 3.46 13.40 -11.57
C MET A 250 4.84 12.84 -11.93
N MET A 251 5.18 12.91 -13.21
CA MET A 251 6.50 12.44 -13.67
C MET A 251 7.53 13.55 -13.47
N GLN A 252 7.04 14.75 -13.20
CA GLN A 252 7.93 15.90 -13.01
C GLN A 252 7.75 16.57 -11.66
N GLY A 253 7.44 15.78 -10.64
CA GLY A 253 7.27 16.36 -9.31
C GLY A 253 5.85 16.80 -8.99
N GLY A 254 4.94 16.57 -9.93
CA GLY A 254 3.56 16.95 -9.71
C GLY A 254 2.92 16.15 -8.60
N GLY A 255 1.94 16.73 -7.93
CA GLY A 255 1.26 16.03 -6.85
C GLY A 255 0.58 16.98 -5.88
N THR A 256 -0.71 16.79 -5.67
CA THR A 256 -1.47 17.64 -4.76
C THR A 256 -1.38 17.02 -3.37
N ILE A 257 -0.81 17.76 -2.43
CA ILE A 257 -0.62 17.30 -1.05
C ILE A 257 -1.91 17.15 -0.27
N LEU A 258 -2.17 15.93 0.20
CA LEU A 258 -3.37 15.61 0.95
C LEU A 258 -3.16 15.71 2.46
N ASP A 259 -1.93 15.52 2.91
CA ASP A 259 -1.59 15.59 4.32
C ASP A 259 -0.08 15.69 4.46
N GLU A 260 0.40 16.71 5.17
CA GLU A 260 1.83 16.88 5.36
C GLU A 260 2.16 16.62 6.82
N GLY A 261 1.13 16.32 7.61
CA GLY A 261 1.33 16.05 9.01
C GLY A 261 1.45 17.33 9.81
N ASN A 262 1.75 17.18 11.10
CA ASN A 262 1.89 18.32 12.00
C ASN A 262 2.84 17.99 13.14
N ASP A 263 2.90 18.87 14.14
CA ASP A 263 3.79 18.67 15.27
C ASP A 263 3.40 17.56 16.24
N ARG A 264 2.24 16.93 16.02
CA ARG A 264 1.80 15.84 16.88
C ARG A 264 1.92 14.51 16.14
N TRP A 265 1.38 14.48 14.92
CA TRP A 265 1.47 13.29 14.07
C TRP A 265 2.44 13.65 12.96
N ILE A 266 3.69 13.22 13.13
CA ILE A 266 4.75 13.52 12.18
C ILE A 266 4.75 12.60 10.95
N GLY A 267 5.12 13.19 9.81
CA GLY A 267 5.21 12.45 8.57
C GLY A 267 4.25 11.32 8.26
N PRO A 268 2.99 11.63 7.98
CA PRO A 268 2.00 10.59 7.66
C PRO A 268 2.35 10.05 6.28
N GLY A 269 2.36 8.73 6.13
CA GLY A 269 2.71 8.17 4.83
C GLY A 269 2.31 6.73 4.58
N HIS A 270 2.62 6.27 3.37
CA HIS A 270 2.31 4.93 2.92
C HIS A 270 0.83 4.68 3.17
N CYS A 271 0.00 5.33 2.35
CA CYS A 271 -1.45 5.24 2.47
C CYS A 271 -2.15 4.19 1.62
N ALA A 272 -3.39 3.94 1.97
CA ALA A 272 -4.25 2.98 1.28
C ALA A 272 -5.64 3.59 1.27
N VAL A 273 -6.32 3.51 0.13
CA VAL A 273 -7.66 4.09 -0.02
C VAL A 273 -8.69 3.02 -0.35
N TYR A 274 -9.79 3.01 0.41
CA TYR A 274 -10.85 2.03 0.20
C TYR A 274 -12.21 2.69 0.17
N PHE A 275 -13.11 2.11 -0.62
CA PHE A 275 -14.47 2.63 -0.78
C PHE A 275 -15.55 1.68 -0.31
N SER A 276 -16.74 2.24 -0.13
CA SER A 276 -17.92 1.48 0.29
C SER A 276 -19.08 2.43 0.03
N GLY A 277 -19.84 2.15 -1.02
CA GLY A 277 -20.94 3.03 -1.37
C GLY A 277 -20.33 4.33 -1.83
N VAL A 278 -20.74 5.45 -1.23
CA VAL A 278 -20.18 6.74 -1.61
C VAL A 278 -19.09 7.15 -0.62
N SER A 279 -18.98 6.41 0.47
CA SER A 279 -17.99 6.71 1.50
C SER A 279 -16.62 6.14 1.16
N ALA A 280 -15.60 6.61 1.86
CA ALA A 280 -14.24 6.14 1.65
C ALA A 280 -13.40 6.45 2.87
N ILE A 281 -12.26 5.75 2.99
CA ILE A 281 -11.33 5.99 4.08
C ILE A 281 -9.91 5.99 3.55
N LEU A 282 -9.06 6.69 4.28
CA LEU A 282 -7.63 6.77 3.96
C LEU A 282 -6.93 6.10 5.12
N VAL A 283 -6.03 5.17 4.82
CA VAL A 283 -5.29 4.46 5.84
C VAL A 283 -3.81 4.76 5.64
N ASN A 284 -3.09 4.96 6.75
CA ASN A 284 -1.67 5.25 6.68
C ASN A 284 -1.08 5.14 8.07
N HIS A 285 0.22 5.42 8.19
CA HIS A 285 0.85 5.42 9.50
C HIS A 285 1.41 6.81 9.66
N ALA A 286 1.70 7.18 10.90
CA ALA A 286 2.28 8.48 11.19
C ALA A 286 3.11 8.26 12.44
N TYR A 287 4.17 9.05 12.59
CA TYR A 287 5.05 8.92 13.74
C TYR A 287 4.57 9.77 14.91
N ASP A 288 4.40 9.12 16.05
CA ASP A 288 3.89 9.75 17.27
C ASP A 288 4.91 10.63 17.98
N ALA A 289 4.77 11.93 17.83
CA ALA A 289 5.68 12.88 18.47
C ALA A 289 5.62 12.77 19.99
N LEU A 290 4.51 12.24 20.50
CA LEU A 290 4.33 12.10 21.93
C LEU A 290 4.74 10.73 22.46
N LYS A 291 5.14 9.85 21.54
CA LYS A 291 5.54 8.50 21.93
C LYS A 291 6.81 8.07 21.19
N ASN A 292 7.86 8.87 21.36
CA ASN A 292 9.15 8.60 20.76
C ASN A 292 9.15 8.34 19.26
N GLY A 293 8.23 8.98 18.55
CA GLY A 293 8.16 8.83 17.11
C GLY A 293 7.75 7.46 16.62
N GLU A 294 7.09 6.68 17.49
CA GLU A 294 6.66 5.35 17.09
C GLU A 294 5.58 5.40 16.03
N PRO A 295 5.72 4.57 14.97
CA PRO A 295 4.74 4.52 13.87
C PRO A 295 3.37 4.07 14.39
N THR A 296 2.36 4.85 14.08
CA THR A 296 1.02 4.58 14.57
C THR A 296 -0.03 4.50 13.46
N LEU A 297 -0.88 3.48 13.55
CA LEU A 297 -1.94 3.26 12.59
C LEU A 297 -2.93 4.43 12.60
N GLN A 298 -3.30 4.91 11.42
CA GLN A 298 -4.28 5.99 11.29
C GLN A 298 -5.33 5.60 10.26
N ILE A 299 -6.60 5.85 10.56
CA ILE A 299 -7.69 5.59 9.64
C ILE A 299 -8.61 6.80 9.72
N ARG A 300 -8.83 7.45 8.58
CA ARG A 300 -9.68 8.64 8.55
C ARG A 300 -10.61 8.62 7.35
N PRO A 301 -11.83 9.17 7.52
CA PRO A 301 -12.76 9.19 6.39
C PRO A 301 -12.20 10.12 5.31
N LEU A 302 -12.35 9.71 4.05
CA LEU A 302 -11.82 10.50 2.95
C LEU A 302 -12.98 10.99 2.08
N TYR A 303 -13.08 12.31 1.94
CA TYR A 303 -14.15 12.89 1.13
C TYR A 303 -13.66 13.35 -0.24
N TRP A 304 -14.59 13.69 -1.11
CA TRP A 304 -14.27 14.14 -2.45
C TRP A 304 -15.07 15.38 -2.81
N ASP A 305 -14.42 16.39 -3.38
CA ASP A 305 -15.11 17.62 -3.75
C ASP A 305 -15.87 17.49 -5.07
N ASP A 306 -16.61 18.53 -5.43
CA ASP A 306 -17.39 18.53 -6.66
C ASP A 306 -16.53 18.41 -7.90
N GLU A 307 -15.26 18.79 -7.79
CA GLU A 307 -14.35 18.71 -8.92
C GLU A 307 -13.68 17.33 -9.00
N GLY A 308 -14.05 16.46 -8.06
CA GLY A 308 -13.52 15.10 -8.05
C GLY A 308 -12.19 14.88 -7.34
N TRP A 309 -11.74 15.86 -6.56
CA TRP A 309 -10.48 15.69 -5.84
C TRP A 309 -10.73 15.29 -4.40
N PRO A 310 -9.96 14.30 -3.90
CA PRO A 310 -10.08 13.82 -2.52
C PRO A 310 -9.58 14.82 -1.51
N TYR A 311 -10.07 14.69 -0.27
CA TYR A 311 -9.67 15.57 0.82
C TYR A 311 -10.14 14.96 2.13
N LEU A 312 -9.26 14.99 3.13
CA LEU A 312 -9.59 14.44 4.43
C LEU A 312 -10.43 15.43 5.20
N SER A 313 -11.45 14.94 5.89
CA SER A 313 -12.34 15.80 6.66
C SER A 313 -11.59 16.41 7.84
N VAL A 314 -12.06 17.58 8.25
CA VAL A 314 -11.48 18.30 9.37
C VAL A 314 -11.96 17.72 10.70
O5 FUB B . 16.02 4.56 -0.68
C5 FUB B . 16.68 5.58 0.08
C4 FUB B . 17.93 6.09 -0.63
O4 FUB B . 17.68 6.84 -1.85
C3 FUB B . 18.92 4.99 -1.02
O3 FUB B . 19.60 4.48 0.12
C2 FUB B . 19.79 5.75 -1.98
O2 FUB B . 20.61 4.90 -2.80
C1 FUB B . 18.75 6.50 -2.78
O1 FUB B . 18.15 5.74 -3.84
O5 AHR B . 11.67 3.37 1.70
C5 AHR B . 12.86 3.57 2.52
C4 AHR B . 14.16 3.00 1.90
O4 AHR B . 15.07 3.99 1.37
C3 AHR B . 13.92 1.98 0.77
O3 AHR B . 14.47 0.72 1.17
C2 AHR B . 14.64 2.57 -0.42
O2 AHR B . 13.89 2.48 -1.64
C1 AHR B . 14.84 3.99 -0.05
O5 AHR B . 9.60 -0.12 5.86
C5 AHR B . 9.37 1.09 5.15
C4 AHR B . 9.98 1.00 3.74
O4 AHR B . 11.00 2.00 3.50
C3 AHR B . 8.93 1.14 2.65
O3 AHR B . 8.56 -0.14 2.14
C2 AHR B . 9.60 2.03 1.63
O2 AHR B . 8.66 2.85 0.91
C1 AHR B . 10.52 2.87 2.44
CA CA C . 1.36 0.02 0.13
#